data_2JT7
#
_entry.id   2JT7
#
loop_
_entity.id
_entity.type
_entity.pdbx_description
1 polymer "DNA (5'-D(*DTP*DGP*DGP*DGP*DGP*DT)-3')"
2 non-polymer 'DISTAMYCIN A'
#
_entity_poly.entity_id   1
_entity_poly.type   'polydeoxyribonucleotide'
_entity_poly.pdbx_seq_one_letter_code
;(DT)(DG)(DG)(DG)(DG)(DT)
;
_entity_poly.pdbx_strand_id   A,B,E,F
#